data_4E4W
#
_entry.id   4E4W
#
_cell.length_a   187.210
_cell.length_b   66.140
_cell.length_c   74.010
_cell.angle_alpha   90.00
_cell.angle_beta   90.75
_cell.angle_gamma   90.00
#
_symmetry.space_group_name_H-M   'C 1 2 1'
#
loop_
_entity.id
_entity.type
_entity.pdbx_description
1 polymer 'DNA mismatch repair protein MLH1'
2 polymer 'DNA mismatch repair protein PMS1'
3 non-polymer GLYCEROL
4 non-polymer 1,2-ETHANEDIOL
5 non-polymer 'ZINC ION'
6 water water
#
loop_
_entity_poly.entity_id
_entity_poly.type
_entity_poly.pdbx_seq_one_letter_code
_entity_poly.pdbx_strand_id
1 'polypeptide(L)'
;ADDEKNALPISKDGYIRVPKERVNVNLTSIKKLREKVDDSIHRELTDIFANLNYVGVVDEERRLAAIQHDLKLFLIDYGS
VCYELFYQIGLTDFANFGKINLQSTNVSDDIVLYNLLSEFDELNDDASKEKIISKIWDMSSMLNEYYSIELVNDGLDNDL
KSVKLKSLPLLLKGYIPSLVKLPFFIYRLGKEVDWEDEQECLDGILREIALLYIPDMVPKVDTSDASLSEDEKAQFINRK
EHISSLLEHVLFPCIKRRFLAPRHILKDVVEIANLPDLYKVFERC
;
A
2 'polypeptide(L)'
;SKRKSEAQENIIKNKDELEDFEQGEKYLTLTVSKNDFKKMEVVGQFNLGFIIVTRKVDNKYDLFIVDQHASDEKYNFETL
QAVTVFKSQKLIIPQPVELSVIDELVVLDNLPVFEKNGFKLKIDEEEEFGSRVKLLSLPTSKQTLFDLGDFNELIHLIKE
DGGLRRDNIRCSKIRSMFAMRACRSSIMIGKPLNKKTMTRVVHNLSELDKPWNCPHGRPTMRHLMELRDWSSFSKDYEI
;
B
#
loop_
_chem_comp.id
_chem_comp.type
_chem_comp.name
_chem_comp.formula
EDO non-polymer 1,2-ETHANEDIOL 'C2 H6 O2'
GOL non-polymer GLYCEROL 'C3 H8 O3'
ZN non-polymer 'ZINC ION' 'Zn 2'
#
# COMPACT_ATOMS: atom_id res chain seq x y z
N VAL A 25 -8.71 -36.06 16.73
CA VAL A 25 -9.17 -35.70 18.06
C VAL A 25 -10.44 -36.49 18.42
N ASN A 26 -10.41 -37.14 19.60
CA ASN A 26 -11.50 -37.96 20.17
C ASN A 26 -12.79 -37.18 20.48
N LEU A 27 -12.65 -35.85 20.68
CA LEU A 27 -13.70 -34.92 21.08
C LEU A 27 -14.92 -34.66 20.22
N THR A 28 -16.06 -34.74 20.91
CA THR A 28 -17.41 -34.46 20.41
C THR A 28 -17.56 -32.94 20.19
N SER A 29 -16.92 -32.13 21.06
CA SER A 29 -16.97 -30.67 21.06
C SER A 29 -16.31 -29.99 19.88
N ILE A 30 -15.10 -30.44 19.50
CA ILE A 30 -14.33 -29.85 18.41
C ILE A 30 -15.03 -30.05 17.07
N LYS A 31 -15.64 -31.25 16.88
CA LYS A 31 -16.42 -31.60 15.68
C LYS A 31 -17.65 -30.69 15.48
N LYS A 32 -18.38 -30.36 16.57
CA LYS A 32 -19.49 -29.41 16.51
C LYS A 32 -19.02 -28.02 16.03
N LEU A 33 -17.86 -27.58 16.50
CA LEU A 33 -17.30 -26.30 16.07
C LEU A 33 -16.79 -26.30 14.64
N ARG A 34 -16.28 -27.46 14.17
CA ARG A 34 -15.80 -27.61 12.79
C ARG A 34 -17.02 -27.61 11.84
N GLU A 35 -18.13 -28.22 12.27
CA GLU A 35 -19.36 -28.28 11.48
C GLU A 35 -19.97 -26.88 11.35
N LYS A 36 -19.88 -26.10 12.43
CA LYS A 36 -20.37 -24.72 12.51
C LYS A 36 -19.63 -23.84 11.51
N VAL A 37 -18.29 -24.07 11.31
CA VAL A 37 -17.42 -23.36 10.33
C VAL A 37 -17.90 -23.77 8.94
N ASP A 38 -18.01 -25.10 8.70
CA ASP A 38 -18.54 -25.65 7.44
C ASP A 38 -19.89 -25.06 7.07
N ASP A 39 -20.81 -24.85 8.05
CA ASP A 39 -22.10 -24.28 7.72
C ASP A 39 -22.07 -22.83 7.25
N SER A 40 -21.07 -22.07 7.66
CA SER A 40 -20.93 -20.64 7.34
C SER A 40 -20.10 -20.33 6.09
N ILE A 41 -19.45 -21.36 5.48
CA ILE A 41 -18.59 -21.18 4.31
C ILE A 41 -19.26 -20.62 3.10
N HIS A 42 -18.74 -19.49 2.60
CA HIS A 42 -19.22 -18.82 1.40
C HIS A 42 -18.39 -19.31 0.23
N ARG A 43 -18.98 -20.08 -0.67
CA ARG A 43 -18.32 -20.66 -1.81
C ARG A 43 -17.63 -19.65 -2.73
N GLU A 44 -18.36 -18.60 -3.15
CA GLU A 44 -17.88 -17.55 -4.07
C GLU A 44 -16.83 -16.66 -3.42
N LEU A 45 -17.03 -16.35 -2.13
CA LEU A 45 -16.03 -15.52 -1.44
C LEU A 45 -14.75 -16.31 -1.19
N THR A 46 -14.85 -17.64 -1.02
CA THR A 46 -13.74 -18.57 -0.81
C THR A 46 -12.94 -18.66 -2.04
N ASP A 47 -13.61 -18.66 -3.21
CA ASP A 47 -12.94 -18.71 -4.52
C ASP A 47 -12.10 -17.44 -4.76
N ILE A 48 -12.64 -16.27 -4.31
CA ILE A 48 -11.94 -14.98 -4.34
C ILE A 48 -10.62 -15.06 -3.59
N PHE A 49 -10.58 -15.68 -2.41
CA PHE A 49 -9.33 -15.80 -1.62
C PHE A 49 -8.40 -16.86 -2.17
N ALA A 50 -8.94 -17.95 -2.71
CA ALA A 50 -8.23 -19.09 -3.27
C ALA A 50 -7.37 -18.69 -4.46
N ASN A 51 -7.84 -17.66 -5.20
CA ASN A 51 -7.22 -17.14 -6.42
C ASN A 51 -6.79 -15.69 -6.29
N LEU A 52 -6.54 -15.22 -5.08
CA LEU A 52 -6.11 -13.85 -4.89
C LEU A 52 -4.72 -13.60 -5.49
N ASN A 53 -4.53 -12.39 -5.97
CA ASN A 53 -3.27 -11.90 -6.46
C ASN A 53 -2.94 -10.71 -5.51
N TYR A 54 -1.99 -10.91 -4.57
CA TYR A 54 -1.67 -9.87 -3.62
C TYR A 54 -1.04 -8.60 -4.19
N VAL A 55 -1.67 -7.43 -3.92
CA VAL A 55 -1.23 -6.07 -4.37
C VAL A 55 -0.41 -5.39 -3.30
N GLY A 56 -0.96 -5.19 -2.11
CA GLY A 56 -0.21 -4.55 -1.02
C GLY A 56 -1.07 -4.09 0.13
N VAL A 57 -0.44 -3.43 1.13
CA VAL A 57 -1.06 -2.85 2.33
C VAL A 57 -1.52 -1.44 1.97
N VAL A 58 -2.73 -1.11 2.36
CA VAL A 58 -3.34 0.21 2.16
C VAL A 58 -3.26 0.97 3.50
N ASP A 59 -3.68 0.34 4.60
CA ASP A 59 -3.67 0.98 5.92
C ASP A 59 -3.28 -0.02 6.99
N GLU A 60 -2.14 0.23 7.65
CA GLU A 60 -1.55 -0.62 8.68
C GLU A 60 -2.24 -0.43 9.99
N GLU A 61 -2.96 0.72 10.14
CA GLU A 61 -3.74 1.11 11.32
C GLU A 61 -5.10 0.46 11.29
N ARG A 62 -5.88 0.72 10.22
CA ARG A 62 -7.23 0.18 10.01
C ARG A 62 -7.13 -1.26 9.52
N ARG A 63 -5.93 -1.68 9.11
CA ARG A 63 -5.59 -3.01 8.58
C ARG A 63 -6.35 -3.35 7.30
N LEU A 64 -6.10 -2.57 6.24
CA LEU A 64 -6.71 -2.78 4.94
C LEU A 64 -5.60 -3.20 3.98
N ALA A 65 -5.85 -4.25 3.21
CA ALA A 65 -4.89 -4.72 2.23
C ALA A 65 -5.61 -4.75 0.91
N ALA A 66 -4.90 -4.56 -0.19
CA ALA A 66 -5.52 -4.63 -1.52
C ALA A 66 -5.09 -5.90 -2.25
N ILE A 67 -6.05 -6.57 -2.85
CA ILE A 67 -5.84 -7.81 -3.60
C ILE A 67 -6.52 -7.69 -4.93
N GLN A 68 -6.00 -8.42 -5.92
CA GLN A 68 -6.63 -8.51 -7.21
C GLN A 68 -7.28 -9.90 -7.33
N HIS A 69 -8.52 -9.94 -7.80
CA HIS A 69 -9.19 -11.19 -8.13
C HIS A 69 -9.74 -10.99 -9.53
N ASP A 70 -9.20 -11.75 -10.51
CA ASP A 70 -9.53 -11.68 -11.93
C ASP A 70 -9.43 -10.25 -12.46
N LEU A 71 -10.56 -9.64 -12.74
CA LEU A 71 -10.70 -8.31 -13.32
C LEU A 71 -10.93 -7.22 -12.28
N LYS A 72 -11.00 -7.59 -10.99
CA LYS A 72 -11.28 -6.65 -9.90
C LYS A 72 -10.17 -6.42 -8.91
N LEU A 73 -10.18 -5.23 -8.32
CA LEU A 73 -9.30 -4.84 -7.23
C LEU A 73 -10.18 -4.75 -5.96
N PHE A 74 -9.80 -5.51 -4.93
CA PHE A 74 -10.53 -5.55 -3.65
C PHE A 74 -9.73 -4.95 -2.53
N LEU A 75 -10.45 -4.34 -1.61
CA LEU A 75 -9.92 -3.77 -0.39
C LEU A 75 -10.40 -4.76 0.67
N ILE A 76 -9.47 -5.38 1.38
CA ILE A 76 -9.74 -6.44 2.38
C ILE A 76 -9.36 -5.96 3.75
N ASP A 77 -10.12 -6.33 4.77
CA ASP A 77 -9.77 -6.02 6.17
C ASP A 77 -9.09 -7.31 6.66
N TYR A 78 -7.74 -7.33 6.63
CA TYR A 78 -6.98 -8.51 7.05
C TYR A 78 -7.00 -8.78 8.59
N GLY A 79 -7.54 -7.84 9.38
CA GLY A 79 -7.71 -8.08 10.80
C GLY A 79 -8.75 -9.17 10.93
N SER A 80 -9.86 -9.02 10.15
CA SER A 80 -11.02 -9.90 10.10
C SER A 80 -10.69 -11.26 9.46
N VAL A 81 -9.89 -11.27 8.43
CA VAL A 81 -9.51 -12.47 7.71
C VAL A 81 -8.54 -13.32 8.54
N CYS A 82 -7.51 -12.70 9.14
CA CYS A 82 -6.56 -13.40 10.00
C CYS A 82 -7.25 -13.96 11.23
N TYR A 83 -8.24 -13.24 11.71
CA TYR A 83 -9.02 -13.74 12.80
C TYR A 83 -9.66 -15.11 12.47
N GLU A 84 -10.39 -15.21 11.35
CA GLU A 84 -11.02 -16.46 10.93
C GLU A 84 -9.99 -17.51 10.55
N LEU A 85 -8.90 -17.11 9.85
CA LEU A 85 -7.77 -17.97 9.45
C LEU A 85 -7.14 -18.64 10.69
N PHE A 86 -6.73 -17.84 11.69
CA PHE A 86 -6.11 -18.40 12.87
C PHE A 86 -7.08 -19.21 13.69
N TYR A 87 -8.37 -18.85 13.63
CA TYR A 87 -9.43 -19.58 14.31
C TYR A 87 -9.56 -20.95 13.68
N GLN A 88 -9.55 -21.01 12.33
CA GLN A 88 -9.66 -22.24 11.51
C GLN A 88 -8.47 -23.17 11.70
N ILE A 89 -7.23 -22.60 11.74
CA ILE A 89 -5.98 -23.33 12.00
C ILE A 89 -6.07 -23.95 13.41
N GLY A 90 -6.52 -23.15 14.38
CA GLY A 90 -6.69 -23.58 15.77
C GLY A 90 -7.64 -24.75 15.84
N LEU A 91 -8.75 -24.67 15.10
CA LEU A 91 -9.75 -25.72 15.02
C LEU A 91 -9.19 -27.02 14.46
N THR A 92 -8.35 -26.91 13.42
CA THR A 92 -7.73 -28.04 12.72
C THR A 92 -6.60 -28.71 13.52
N ASP A 93 -5.73 -27.93 14.13
CA ASP A 93 -4.60 -28.50 14.86
C ASP A 93 -4.78 -28.72 16.35
N PHE A 94 -6.02 -28.56 16.82
CA PHE A 94 -6.44 -28.72 18.23
C PHE A 94 -5.78 -29.97 18.87
N ALA A 95 -5.12 -29.82 20.06
CA ALA A 95 -4.39 -30.90 20.76
C ALA A 95 -3.08 -31.42 20.04
N ASN A 96 -2.66 -30.77 18.95
CA ASN A 96 -1.49 -31.21 18.18
C ASN A 96 -0.67 -30.03 17.69
N PHE A 97 -0.63 -28.97 18.48
CA PHE A 97 0.09 -27.75 18.15
C PHE A 97 1.55 -27.86 18.51
N GLY A 98 2.39 -27.24 17.67
CA GLY A 98 3.80 -27.02 17.96
C GLY A 98 3.86 -25.88 18.96
N LYS A 99 5.06 -25.57 19.51
CA LYS A 99 5.26 -24.52 20.51
C LYS A 99 6.22 -23.41 20.07
N ILE A 100 5.91 -22.19 20.49
CA ILE A 100 6.77 -21.04 20.36
C ILE A 100 7.29 -20.94 21.80
N ASN A 101 8.54 -21.32 21.99
CA ASN A 101 9.23 -21.30 23.26
C ASN A 101 9.57 -19.82 23.53
N LEU A 102 8.89 -19.24 24.50
CA LEU A 102 8.97 -17.83 24.86
C LEU A 102 10.09 -17.49 25.81
N GLN A 103 10.80 -18.50 26.37
CA GLN A 103 11.86 -18.23 27.35
C GLN A 103 13.29 -18.33 26.84
N SER A 104 14.12 -17.34 27.26
CA SER A 104 15.54 -17.24 26.97
C SER A 104 16.36 -17.48 28.22
N THR A 105 17.69 -17.25 28.13
CA THR A 105 18.58 -17.34 29.29
C THR A 105 18.41 -16.08 30.15
N ASN A 106 17.69 -15.06 29.62
CA ASN A 106 17.43 -13.81 30.31
C ASN A 106 16.12 -13.96 31.07
N VAL A 107 16.24 -14.21 32.38
CA VAL A 107 15.15 -14.41 33.34
C VAL A 107 14.31 -13.13 33.47
N SER A 108 14.94 -11.97 33.27
CA SER A 108 14.30 -10.67 33.34
C SER A 108 13.35 -10.39 32.18
N ASP A 109 13.40 -11.21 31.11
CA ASP A 109 12.56 -11.10 29.92
C ASP A 109 11.29 -11.94 30.00
N ASP A 110 11.17 -12.73 31.10
CA ASP A 110 10.03 -13.61 31.39
C ASP A 110 8.69 -12.90 31.36
N ILE A 111 7.66 -13.63 31.01
CA ILE A 111 6.35 -13.04 30.91
C ILE A 111 5.57 -13.43 32.13
N VAL A 112 5.38 -12.49 33.06
CA VAL A 112 4.65 -12.70 34.33
C VAL A 112 3.21 -12.22 34.10
N LEU A 113 2.22 -13.11 34.41
CA LEU A 113 0.80 -12.81 34.18
C LEU A 113 0.34 -11.63 35.00
N TYR A 114 0.81 -11.53 36.27
CA TYR A 114 0.46 -10.44 37.17
C TYR A 114 0.89 -9.10 36.58
N ASN A 115 2.12 -9.05 36.00
CA ASN A 115 2.73 -7.91 35.35
C ASN A 115 1.93 -7.45 34.15
N LEU A 116 1.38 -8.40 33.35
CA LEU A 116 0.53 -8.14 32.17
C LEU A 116 -0.81 -7.51 32.57
N LEU A 117 -1.43 -8.04 33.65
CA LEU A 117 -2.74 -7.59 34.11
C LEU A 117 -2.71 -6.22 34.73
N SER A 118 -1.51 -5.73 35.01
CA SER A 118 -1.23 -4.42 35.60
C SER A 118 -1.42 -3.28 34.58
N GLU A 119 -1.70 -3.64 33.33
CA GLU A 119 -1.98 -2.71 32.25
C GLU A 119 -3.44 -2.24 32.38
N PHE A 120 -4.26 -3.00 33.15
CA PHE A 120 -5.67 -2.75 33.35
C PHE A 120 -5.92 -2.09 34.69
N ASP A 121 -6.16 -0.77 34.65
CA ASP A 121 -6.41 0.08 35.82
C ASP A 121 -7.68 -0.32 36.58
N GLU A 122 -8.64 -0.99 35.88
CA GLU A 122 -9.89 -1.47 36.49
C GLU A 122 -9.67 -2.69 37.38
N LEU A 123 -8.53 -3.39 37.18
CA LEU A 123 -8.09 -4.46 38.06
C LEU A 123 -7.22 -3.76 39.19
N ASN A 124 -7.80 -2.72 39.83
CA ASN A 124 -7.21 -1.84 40.84
C ASN A 124 -6.74 -2.48 42.16
N ASP A 125 -6.84 -3.80 42.29
CA ASP A 125 -6.39 -4.50 43.50
C ASP A 125 -5.69 -5.78 43.11
N ASP A 126 -4.62 -6.16 43.85
CA ASP A 126 -3.84 -7.38 43.64
C ASP A 126 -4.76 -8.62 43.53
N ALA A 127 -5.81 -8.70 44.39
CA ALA A 127 -6.81 -9.77 44.44
C ALA A 127 -7.55 -9.98 43.12
N SER A 128 -8.02 -8.90 42.47
CA SER A 128 -8.73 -8.99 41.19
C SER A 128 -7.84 -9.54 40.06
N LYS A 129 -6.53 -9.19 40.06
CA LYS A 129 -5.54 -9.73 39.12
C LYS A 129 -5.30 -11.18 39.50
N GLU A 130 -5.18 -11.47 40.80
CA GLU A 130 -5.00 -12.84 41.33
C GLU A 130 -6.20 -13.76 41.02
N LYS A 131 -7.41 -13.20 40.93
CA LYS A 131 -8.65 -13.93 40.60
C LYS A 131 -8.52 -14.55 39.19
N ILE A 132 -8.12 -13.73 38.19
CA ILE A 132 -7.90 -14.08 36.80
C ILE A 132 -6.78 -15.14 36.66
N ILE A 133 -5.63 -14.92 37.32
CA ILE A 133 -4.47 -15.83 37.28
C ILE A 133 -4.82 -17.18 37.93
N SER A 134 -5.65 -17.19 38.98
CA SER A 134 -6.07 -18.41 39.66
C SER A 134 -6.83 -19.33 38.70
N LYS A 135 -7.87 -18.81 37.98
CA LYS A 135 -8.59 -19.65 37.05
C LYS A 135 -7.66 -20.20 35.99
N ILE A 136 -6.95 -19.32 35.27
CA ILE A 136 -5.97 -19.69 34.26
C ILE A 136 -5.01 -20.78 34.80
N TRP A 137 -4.41 -20.55 35.98
CA TRP A 137 -3.44 -21.47 36.60
C TRP A 137 -3.95 -22.86 36.95
N ASP A 138 -5.21 -22.96 37.44
CA ASP A 138 -5.81 -24.25 37.79
C ASP A 138 -6.09 -25.09 36.53
N MET A 139 -6.21 -24.40 35.38
CA MET A 139 -6.51 -25.00 34.06
C MET A 139 -5.25 -25.18 33.22
N SER A 140 -4.07 -25.01 33.82
CA SER A 140 -2.79 -25.12 33.13
C SER A 140 -2.49 -26.49 32.51
N SER A 141 -2.96 -27.58 33.12
CA SER A 141 -2.72 -28.92 32.57
C SER A 141 -3.38 -29.06 31.18
N MET A 142 -4.67 -28.65 31.05
CA MET A 142 -5.37 -28.68 29.77
C MET A 142 -4.91 -27.57 28.81
N LEU A 143 -4.62 -26.34 29.33
CA LEU A 143 -4.15 -25.26 28.46
C LEU A 143 -2.89 -25.71 27.76
N ASN A 144 -2.04 -26.46 28.47
CA ASN A 144 -0.83 -26.98 27.87
C ASN A 144 -1.11 -28.13 26.90
N GLU A 145 -1.86 -29.16 27.34
CA GLU A 145 -2.19 -30.38 26.57
C GLU A 145 -2.89 -30.13 25.21
N TYR A 146 -4.00 -29.36 25.25
CA TYR A 146 -4.89 -29.04 24.14
C TYR A 146 -4.44 -27.87 23.29
N TYR A 147 -3.86 -26.81 23.93
CA TYR A 147 -3.51 -25.56 23.23
C TYR A 147 -2.07 -25.16 23.08
N SER A 148 -1.16 -25.87 23.77
CA SER A 148 0.27 -25.57 23.81
C SER A 148 0.54 -24.22 24.49
N ILE A 149 -0.39 -23.79 25.38
CA ILE A 149 -0.27 -22.58 26.18
C ILE A 149 0.30 -23.10 27.49
N GLU A 150 1.62 -23.03 27.63
CA GLU A 150 2.31 -23.54 28.82
C GLU A 150 2.60 -22.44 29.84
N LEU A 151 2.10 -22.66 31.06
CA LEU A 151 2.29 -21.78 32.20
C LEU A 151 3.13 -22.48 33.25
N VAL A 152 4.09 -21.76 33.82
CA VAL A 152 4.98 -22.28 34.86
C VAL A 152 4.97 -21.40 36.07
N ASN A 153 5.36 -21.93 37.23
CA ASN A 153 5.45 -21.14 38.47
C ASN A 153 6.90 -21.23 38.98
N ASP A 154 7.59 -20.06 39.06
CA ASP A 154 9.00 -20.00 39.45
C ASP A 154 9.31 -20.18 40.94
N GLY A 155 8.41 -19.75 41.81
CA GLY A 155 8.55 -19.86 43.26
C GLY A 155 7.75 -21.02 43.81
N LEU A 156 6.99 -20.76 44.89
CA LEU A 156 6.09 -21.75 45.53
C LEU A 156 4.78 -21.80 44.69
N ASP A 157 4.22 -23.02 44.46
CA ASP A 157 3.00 -23.31 43.68
C ASP A 157 1.83 -22.31 43.82
N ASN A 158 1.61 -21.80 45.05
CA ASN A 158 0.52 -20.88 45.36
C ASN A 158 0.86 -19.39 45.08
N ASP A 159 2.09 -19.11 44.59
CA ASP A 159 2.45 -17.73 44.28
C ASP A 159 2.01 -17.31 42.87
N LEU A 160 0.76 -16.83 42.79
CA LEU A 160 0.13 -16.36 41.55
C LEU A 160 0.88 -15.20 40.89
N LYS A 161 1.52 -14.35 41.70
CA LYS A 161 2.30 -13.20 41.25
C LYS A 161 3.57 -13.66 40.57
N SER A 162 3.94 -14.95 40.70
CA SER A 162 5.10 -15.51 40.02
C SER A 162 4.71 -16.57 38.93
N VAL A 163 3.44 -16.53 38.44
CA VAL A 163 2.95 -17.39 37.37
C VAL A 163 3.40 -16.80 36.03
N LYS A 164 4.05 -17.66 35.20
CA LYS A 164 4.70 -17.30 33.96
C LYS A 164 4.23 -18.05 32.74
N LEU A 165 4.27 -17.38 31.55
CA LEU A 165 3.89 -17.96 30.25
C LEU A 165 5.18 -18.39 29.55
N LYS A 166 5.40 -19.72 29.46
CA LYS A 166 6.61 -20.34 28.91
C LYS A 166 6.50 -20.65 27.42
N SER A 167 5.31 -21.05 26.95
CA SER A 167 5.10 -21.37 25.53
C SER A 167 3.72 -20.94 25.07
N LEU A 168 3.58 -20.66 23.76
CA LEU A 168 2.32 -20.36 23.08
C LEU A 168 2.14 -21.35 21.92
N PRO A 169 0.91 -21.61 21.39
CA PRO A 169 0.81 -22.54 20.24
C PRO A 169 1.45 -21.94 19.00
N LEU A 170 2.10 -22.79 18.18
CA LEU A 170 2.70 -22.39 16.91
C LEU A 170 1.70 -22.74 15.85
N LEU A 171 0.94 -21.73 15.41
CA LEU A 171 -0.11 -21.91 14.41
C LEU A 171 0.36 -21.96 12.97
N LEU A 172 1.34 -21.14 12.61
CA LEU A 172 1.82 -21.02 11.25
C LEU A 172 3.33 -20.96 11.18
N LYS A 173 3.94 -21.85 10.38
CA LYS A 173 5.40 -21.87 10.23
C LYS A 173 5.81 -20.54 9.58
N GLY A 174 6.86 -19.90 10.14
CA GLY A 174 7.32 -18.60 9.66
C GLY A 174 6.61 -17.43 10.33
N TYR A 175 5.64 -17.74 11.20
CA TYR A 175 4.92 -16.72 11.89
C TYR A 175 5.13 -16.81 13.40
N ILE A 176 5.46 -15.66 14.02
CA ILE A 176 5.58 -15.48 15.47
C ILE A 176 4.74 -14.26 15.74
N PRO A 177 3.63 -14.41 16.49
CA PRO A 177 2.79 -13.24 16.72
C PRO A 177 3.47 -12.23 17.64
N SER A 178 3.06 -10.97 17.50
CA SER A 178 3.50 -9.90 18.35
C SER A 178 2.87 -10.15 19.72
N LEU A 179 3.61 -9.82 20.77
CA LEU A 179 3.12 -10.06 22.11
C LEU A 179 2.52 -8.83 22.76
N VAL A 180 2.38 -7.73 22.01
CA VAL A 180 1.79 -6.48 22.48
C VAL A 180 0.40 -6.70 23.03
N LYS A 181 -0.37 -7.63 22.41
CA LYS A 181 -1.71 -7.95 22.86
C LYS A 181 -1.79 -9.01 23.97
N LEU A 182 -0.62 -9.50 24.50
CA LEU A 182 -0.65 -10.46 25.64
C LEU A 182 -1.52 -10.00 26.81
N PRO A 183 -1.49 -8.71 27.28
CA PRO A 183 -2.40 -8.32 28.37
C PRO A 183 -3.88 -8.69 28.12
N PHE A 184 -4.38 -8.38 26.90
CA PHE A 184 -5.76 -8.68 26.46
C PHE A 184 -6.05 -10.16 26.46
N PHE A 185 -5.07 -10.97 25.99
CA PHE A 185 -5.14 -12.41 25.93
C PHE A 185 -5.40 -13.01 27.30
N ILE A 186 -4.64 -12.57 28.32
CA ILE A 186 -4.76 -13.04 29.70
C ILE A 186 -6.06 -12.56 30.33
N TYR A 187 -6.32 -11.24 30.21
CA TYR A 187 -7.55 -10.60 30.71
C TYR A 187 -8.81 -11.32 30.14
N ARG A 188 -8.86 -11.58 28.82
CA ARG A 188 -10.02 -12.23 28.20
C ARG A 188 -10.09 -13.73 28.49
N LEU A 189 -8.95 -14.44 28.61
CA LEU A 189 -8.90 -15.85 29.04
C LEU A 189 -9.50 -15.96 30.49
N GLY A 190 -9.14 -14.99 31.34
CA GLY A 190 -9.60 -14.93 32.72
C GLY A 190 -11.00 -14.41 32.95
N LYS A 191 -11.54 -13.59 32.03
CA LYS A 191 -12.86 -12.99 32.18
C LYS A 191 -13.89 -13.32 31.11
N GLU A 192 -13.49 -13.54 29.86
CA GLU A 192 -14.46 -13.82 28.79
C GLU A 192 -14.76 -15.32 28.55
N VAL A 193 -13.78 -16.22 28.72
CA VAL A 193 -13.97 -17.66 28.47
C VAL A 193 -14.88 -18.28 29.49
N ASP A 194 -15.90 -18.97 29.00
CA ASP A 194 -16.86 -19.66 29.83
C ASP A 194 -16.26 -21.04 30.14
N TRP A 195 -15.41 -21.09 31.15
CA TRP A 195 -14.77 -22.33 31.63
C TRP A 195 -15.76 -23.47 32.01
N GLU A 196 -17.03 -23.13 32.32
CA GLU A 196 -18.03 -24.12 32.76
C GLU A 196 -18.65 -25.02 31.69
N ASP A 197 -18.70 -24.57 30.44
CA ASP A 197 -19.31 -25.34 29.36
C ASP A 197 -18.22 -25.81 28.42
N GLU A 198 -18.03 -27.14 28.26
CA GLU A 198 -16.98 -27.75 27.44
C GLU A 198 -16.82 -27.13 26.02
N GLN A 199 -17.93 -27.03 25.27
CA GLN A 199 -17.93 -26.45 23.94
C GLN A 199 -17.61 -24.97 23.94
N GLU A 200 -18.31 -24.18 24.76
CA GLU A 200 -18.05 -22.73 24.87
C GLU A 200 -16.63 -22.40 25.38
N CYS A 201 -16.10 -23.26 26.27
CA CYS A 201 -14.78 -23.09 26.80
C CYS A 201 -13.74 -23.26 25.66
N LEU A 202 -13.77 -24.41 24.96
CA LEU A 202 -12.94 -24.79 23.83
C LEU A 202 -12.99 -23.71 22.71
N ASP A 203 -14.19 -23.29 22.29
CA ASP A 203 -14.41 -22.25 21.28
C ASP A 203 -13.73 -20.96 21.72
N GLY A 204 -13.99 -20.57 22.96
CA GLY A 204 -13.47 -19.36 23.62
C GLY A 204 -11.98 -19.26 23.63
N ILE A 205 -11.28 -20.36 23.96
CA ILE A 205 -9.80 -20.39 23.93
C ILE A 205 -9.25 -20.23 22.52
N LEU A 206 -9.77 -21.00 21.57
CA LEU A 206 -9.42 -20.88 20.15
C LEU A 206 -9.64 -19.46 19.67
N ARG A 207 -10.75 -18.80 20.09
CA ARG A 207 -11.01 -17.39 19.76
C ARG A 207 -9.96 -16.45 20.33
N GLU A 208 -9.55 -16.68 21.58
CA GLU A 208 -8.52 -15.88 22.24
C GLU A 208 -7.17 -16.01 21.57
N ILE A 209 -6.80 -17.24 21.18
CA ILE A 209 -5.57 -17.49 20.45
C ILE A 209 -5.63 -16.76 19.08
N ALA A 210 -6.72 -16.92 18.35
CA ALA A 210 -6.92 -16.26 17.07
C ALA A 210 -6.80 -14.72 17.21
N LEU A 211 -7.43 -14.11 18.24
CA LEU A 211 -7.40 -12.67 18.50
C LEU A 211 -5.99 -12.16 18.75
N LEU A 212 -5.23 -12.84 19.62
CA LEU A 212 -3.81 -12.53 19.90
C LEU A 212 -2.92 -12.61 18.63
N TYR A 213 -3.18 -13.60 17.77
CA TYR A 213 -2.42 -13.86 16.55
C TYR A 213 -2.58 -12.86 15.43
N ILE A 214 -3.65 -12.07 15.42
CA ILE A 214 -3.88 -11.10 14.33
C ILE A 214 -2.76 -10.06 14.32
N PRO A 215 -2.08 -9.76 13.19
CA PRO A 215 -1.04 -8.70 13.21
C PRO A 215 -1.53 -7.40 13.86
N ASP A 216 -0.65 -6.72 14.58
CA ASP A 216 -1.06 -5.50 15.29
C ASP A 216 -1.58 -4.39 14.41
N MET A 217 -2.33 -3.45 15.00
CA MET A 217 -2.74 -2.20 14.39
C MET A 217 -1.51 -1.26 14.52
N VAL A 218 -1.04 -0.74 13.40
CA VAL A 218 0.11 0.16 13.44
C VAL A 218 -0.41 1.58 13.21
N PRO A 219 -0.54 2.43 14.25
CA PRO A 219 -1.03 3.81 14.02
C PRO A 219 -0.13 4.57 13.06
N LYS A 220 -0.73 5.49 12.27
CA LYS A 220 -0.04 6.36 11.32
C LYS A 220 0.79 7.40 12.08
N VAL A 221 2.03 7.61 11.61
CA VAL A 221 2.98 8.59 12.15
C VAL A 221 3.37 9.49 10.97
N ASP A 222 3.40 10.82 11.20
CA ASP A 222 3.73 11.82 10.19
C ASP A 222 5.25 11.98 10.01
N THR A 223 5.78 11.44 8.90
CA THR A 223 7.21 11.50 8.60
C THR A 223 7.71 12.90 8.19
N SER A 224 6.78 13.80 7.81
CA SER A 224 7.08 15.18 7.42
C SER A 224 7.20 16.12 8.63
N ASP A 225 6.57 15.74 9.76
CA ASP A 225 6.58 16.52 11.01
C ASP A 225 7.96 16.55 11.68
N ALA A 226 8.61 17.73 11.65
CA ALA A 226 9.93 17.96 12.25
C ALA A 226 9.84 17.92 13.78
N SER A 227 8.61 18.06 14.32
CA SER A 227 8.26 18.04 15.74
C SER A 227 8.46 16.66 16.39
N LEU A 228 8.34 15.59 15.58
CA LEU A 228 8.49 14.19 16.02
C LEU A 228 9.95 13.74 15.87
N SER A 229 10.46 13.00 16.89
CA SER A 229 11.85 12.53 16.97
C SER A 229 12.34 11.63 15.84
N GLU A 230 13.66 11.65 15.61
CA GLU A 230 14.37 10.89 14.58
C GLU A 230 14.23 9.37 14.80
N ASP A 231 14.28 8.95 16.09
CA ASP A 231 14.16 7.54 16.52
C ASP A 231 12.74 6.98 16.35
N GLU A 232 11.71 7.84 16.46
CA GLU A 232 10.31 7.45 16.33
C GLU A 232 9.96 7.16 14.87
N LYS A 233 10.70 7.82 13.94
CA LYS A 233 10.51 7.69 12.50
C LYS A 233 10.94 6.32 11.97
N ALA A 234 12.26 5.98 11.99
CA ALA A 234 12.78 4.68 11.54
C ALA A 234 12.11 3.49 12.22
N GLN A 235 11.51 3.73 13.41
CA GLN A 235 10.77 2.74 14.19
C GLN A 235 9.39 2.50 13.60
N PHE A 236 8.74 3.56 13.07
CA PHE A 236 7.45 3.42 12.40
C PHE A 236 7.74 2.71 11.07
N ILE A 237 8.79 3.19 10.33
CA ILE A 237 9.27 2.61 9.08
C ILE A 237 9.59 1.11 9.22
N ASN A 238 10.17 0.70 10.36
CA ASN A 238 10.45 -0.71 10.62
C ASN A 238 9.15 -1.49 10.84
N ARG A 239 8.17 -0.92 11.58
CA ARG A 239 6.88 -1.60 11.81
C ARG A 239 6.06 -1.74 10.55
N LYS A 240 6.07 -0.69 9.71
CA LYS A 240 5.44 -0.59 8.38
C LYS A 240 6.03 -1.67 7.47
N GLU A 241 7.38 -1.85 7.47
CA GLU A 241 8.09 -2.86 6.68
C GLU A 241 7.80 -4.28 7.13
N HIS A 242 7.83 -4.51 8.47
CA HIS A 242 7.59 -5.82 9.08
CA HIS A 242 7.59 -5.82 9.08
C HIS A 242 6.21 -6.36 8.74
N ILE A 243 5.17 -5.48 8.70
CA ILE A 243 3.84 -5.95 8.34
C ILE A 243 3.70 -6.26 6.83
N SER A 244 4.22 -5.38 5.98
CA SER A 244 4.20 -5.54 4.52
C SER A 244 4.84 -6.87 4.14
N SER A 245 5.98 -7.18 4.77
CA SER A 245 6.73 -8.42 4.59
C SER A 245 5.93 -9.61 5.13
N LEU A 246 5.36 -9.47 6.33
CA LEU A 246 4.53 -10.49 6.97
C LEU A 246 3.34 -10.85 6.09
N LEU A 247 2.56 -9.84 5.67
CA LEU A 247 1.38 -10.05 4.83
C LEU A 247 1.72 -10.67 3.52
N GLU A 248 2.77 -10.17 2.89
CA GLU A 248 3.21 -10.64 1.59
C GLU A 248 3.87 -12.02 1.64
N HIS A 249 4.69 -12.31 2.64
CA HIS A 249 5.40 -13.58 2.54
C HIS A 249 4.89 -14.73 3.31
N VAL A 250 4.14 -14.46 4.36
CA VAL A 250 3.61 -15.46 5.28
C VAL A 250 2.12 -15.58 5.24
N LEU A 251 1.40 -14.46 5.55
CA LEU A 251 -0.07 -14.43 5.69
C LEU A 251 -0.93 -14.66 4.47
N PHE A 252 -0.82 -13.80 3.43
CA PHE A 252 -1.56 -13.97 2.18
C PHE A 252 -1.30 -15.29 1.49
N PRO A 253 -0.05 -15.81 1.37
CA PRO A 253 0.14 -17.17 0.83
C PRO A 253 -0.66 -18.23 1.63
N CYS A 254 -0.74 -18.13 2.98
CA CYS A 254 -1.52 -19.07 3.82
C CYS A 254 -3.01 -18.93 3.57
N ILE A 255 -3.51 -17.67 3.61
CA ILE A 255 -4.88 -17.28 3.24
C ILE A 255 -5.25 -17.89 1.87
N LYS A 256 -4.36 -17.74 0.86
CA LYS A 256 -4.61 -18.19 -0.53
C LYS A 256 -4.72 -19.72 -0.71
N ARG A 257 -4.00 -20.45 0.11
CA ARG A 257 -3.84 -21.90 0.16
C ARG A 257 -4.94 -22.63 0.98
N ARG A 258 -5.42 -22.06 2.12
CA ARG A 258 -6.37 -22.77 3.01
C ARG A 258 -7.59 -21.99 3.53
N PHE A 259 -7.68 -20.68 3.26
CA PHE A 259 -8.77 -19.89 3.83
C PHE A 259 -10.15 -20.18 3.33
N LEU A 260 -11.04 -20.44 4.29
CA LEU A 260 -12.44 -20.76 4.06
C LEU A 260 -13.16 -19.51 4.49
N ALA A 261 -13.82 -18.81 3.56
CA ALA A 261 -14.44 -17.54 3.89
C ALA A 261 -15.83 -17.65 4.45
N PRO A 262 -16.05 -17.29 5.75
CA PRO A 262 -17.41 -17.33 6.30
C PRO A 262 -18.25 -16.23 5.66
N ARG A 263 -19.55 -16.41 5.58
CA ARG A 263 -20.38 -15.38 4.93
C ARG A 263 -20.51 -14.06 5.68
N HIS A 264 -20.22 -14.07 6.98
CA HIS A 264 -20.28 -12.86 7.77
C HIS A 264 -19.17 -11.86 7.41
N ILE A 265 -18.24 -12.26 6.52
CA ILE A 265 -17.07 -11.50 6.05
C ILE A 265 -17.25 -10.68 4.76
N LEU A 266 -18.41 -10.82 4.11
CA LEU A 266 -18.73 -10.08 2.89
C LEU A 266 -18.64 -8.56 3.07
N LYS A 267 -18.89 -8.07 4.29
CA LYS A 267 -18.80 -6.66 4.64
C LYS A 267 -17.33 -6.19 4.71
N ASP A 268 -16.37 -7.15 4.85
CA ASP A 268 -14.93 -6.93 5.03
C ASP A 268 -14.10 -6.98 3.74
N VAL A 269 -14.73 -7.35 2.64
CA VAL A 269 -14.21 -7.46 1.29
C VAL A 269 -15.01 -6.47 0.43
N VAL A 270 -14.33 -5.45 -0.15
CA VAL A 270 -15.04 -4.48 -0.99
C VAL A 270 -14.35 -4.19 -2.31
N GLU A 271 -15.12 -4.31 -3.39
CA GLU A 271 -14.70 -4.04 -4.75
C GLU A 271 -14.56 -2.53 -4.89
N ILE A 272 -13.36 -2.11 -5.34
CA ILE A 272 -12.98 -0.69 -5.48
C ILE A 272 -12.70 -0.23 -6.90
N ALA A 273 -12.37 -1.18 -7.80
CA ALA A 273 -12.05 -0.92 -9.20
C ALA A 273 -12.15 -2.17 -10.04
N ASN A 274 -12.44 -1.98 -11.33
CA ASN A 274 -12.53 -3.10 -12.25
C ASN A 274 -11.85 -2.70 -13.55
N LEU A 275 -11.05 -3.62 -14.11
CA LEU A 275 -10.28 -3.42 -15.33
C LEU A 275 -11.12 -2.96 -16.50
N PRO A 276 -12.33 -3.54 -16.77
CA PRO A 276 -13.14 -3.02 -17.90
C PRO A 276 -13.43 -1.51 -17.80
N ASP A 277 -13.80 -1.03 -16.59
CA ASP A 277 -14.03 0.38 -16.35
C ASP A 277 -12.76 1.21 -16.44
N LEU A 278 -11.63 0.72 -15.86
CA LEU A 278 -10.31 1.44 -15.91
C LEU A 278 -9.82 1.56 -17.34
N TYR A 279 -9.93 0.47 -18.13
CA TYR A 279 -9.52 0.46 -19.53
C TYR A 279 -10.40 1.32 -20.47
N LYS A 280 -11.41 2.01 -19.93
CA LYS A 280 -12.23 2.94 -20.72
C LYS A 280 -11.62 4.34 -20.60
N VAL A 281 -10.84 4.58 -19.49
CA VAL A 281 -10.15 5.86 -19.28
C VAL A 281 -8.65 5.82 -19.62
N PHE A 282 -7.92 4.84 -19.03
CA PHE A 282 -6.49 4.60 -19.27
C PHE A 282 -6.31 3.88 -20.60
N GLU A 283 -5.68 4.55 -21.60
CA GLU A 283 -5.54 3.97 -22.95
C GLU A 283 -4.12 4.07 -23.48
N ARG A 284 -3.75 3.18 -24.41
CA ARG A 284 -2.45 3.19 -25.08
C ARG A 284 -2.24 4.51 -25.83
N CYS A 285 -0.98 4.91 -25.89
CA CYS A 285 -0.48 6.13 -26.53
C CYS A 285 -0.73 5.97 -27.98
N LYS B 15 -19.39 9.56 -27.58
CA LYS B 15 -19.03 10.97 -27.38
C LYS B 15 -19.39 11.47 -25.99
N ASP B 16 -20.67 11.27 -25.56
CA ASP B 16 -21.23 11.68 -24.26
C ASP B 16 -20.55 11.04 -23.04
N GLU B 17 -19.78 9.95 -23.26
CA GLU B 17 -19.02 9.18 -22.25
C GLU B 17 -17.79 9.97 -21.75
N LEU B 18 -17.23 10.87 -22.60
CA LEU B 18 -16.06 11.71 -22.34
C LEU B 18 -16.19 12.68 -21.16
N GLU B 19 -17.42 12.89 -20.64
CA GLU B 19 -17.68 13.76 -19.48
C GLU B 19 -17.07 13.15 -18.22
N ASP B 20 -17.06 11.80 -18.13
CA ASP B 20 -16.48 11.02 -17.03
C ASP B 20 -14.96 11.18 -17.02
N PHE B 21 -14.34 11.39 -18.22
CA PHE B 21 -12.91 11.61 -18.38
C PHE B 21 -12.58 13.03 -17.89
N GLU B 22 -13.40 14.03 -18.30
CA GLU B 22 -13.25 15.45 -17.97
C GLU B 22 -13.31 15.71 -16.46
N GLN B 23 -14.31 15.17 -15.76
CA GLN B 23 -14.51 15.31 -14.30
C GLN B 23 -13.36 14.71 -13.47
N GLY B 24 -12.63 13.74 -14.05
CA GLY B 24 -11.47 13.11 -13.44
C GLY B 24 -10.26 14.04 -13.42
N GLU B 25 -9.98 14.69 -14.57
CA GLU B 25 -8.90 15.67 -14.73
C GLU B 25 -9.22 16.95 -13.96
N LYS B 26 -10.51 17.32 -13.87
CA LYS B 26 -11.03 18.49 -13.13
C LYS B 26 -10.80 18.28 -11.63
N TYR B 27 -11.07 17.04 -11.13
CA TYR B 27 -10.89 16.66 -9.74
C TYR B 27 -9.42 16.78 -9.33
N LEU B 28 -8.51 16.26 -10.19
CA LEU B 28 -7.05 16.25 -10.01
C LEU B 28 -6.46 17.63 -9.85
N THR B 29 -6.83 18.58 -10.73
CA THR B 29 -6.35 19.97 -10.69
C THR B 29 -6.61 20.65 -9.31
N LEU B 30 -7.71 20.26 -8.62
CA LEU B 30 -8.11 20.81 -7.32
C LEU B 30 -7.58 19.99 -6.14
N THR B 31 -7.76 18.65 -6.20
CA THR B 31 -7.38 17.72 -5.14
C THR B 31 -5.87 17.41 -4.98
N VAL B 32 -5.05 17.55 -6.06
CA VAL B 32 -3.62 17.19 -6.02
C VAL B 32 -2.66 18.35 -6.34
N SER B 33 -1.84 18.74 -5.35
CA SER B 33 -0.80 19.77 -5.47
C SER B 33 0.56 19.13 -5.78
N LYS B 34 1.57 19.94 -6.20
CA LYS B 34 2.94 19.46 -6.46
C LYS B 34 3.47 18.68 -5.26
N ASN B 35 3.35 19.24 -4.03
CA ASN B 35 3.78 18.59 -2.80
C ASN B 35 3.03 17.29 -2.48
N ASP B 36 1.73 17.19 -2.85
CA ASP B 36 0.90 16.01 -2.61
C ASP B 36 1.54 14.72 -3.12
N PHE B 37 2.22 14.80 -4.28
CA PHE B 37 2.95 13.69 -4.91
C PHE B 37 4.11 13.20 -4.11
N LYS B 38 4.88 14.13 -3.49
CA LYS B 38 6.05 13.82 -2.67
C LYS B 38 5.66 13.06 -1.41
N LYS B 39 4.41 13.23 -0.95
CA LYS B 39 3.90 12.57 0.26
C LYS B 39 3.05 11.31 -0.04
N MET B 40 2.95 10.89 -1.32
CA MET B 40 2.17 9.72 -1.69
C MET B 40 2.92 8.43 -1.38
N GLU B 41 2.20 7.39 -0.93
CA GLU B 41 2.84 6.12 -0.62
C GLU B 41 2.40 5.00 -1.52
N VAL B 42 3.36 4.21 -2.00
CA VAL B 42 3.05 3.09 -2.87
C VAL B 42 2.46 1.88 -2.11
N VAL B 43 1.27 1.44 -2.52
CA VAL B 43 0.60 0.26 -1.99
C VAL B 43 1.17 -0.97 -2.69
N GLY B 44 1.21 -0.92 -4.02
CA GLY B 44 1.72 -2.00 -4.85
C GLY B 44 1.36 -1.83 -6.29
N GLN B 45 1.66 -2.88 -7.07
CA GLN B 45 1.41 -2.92 -8.50
C GLN B 45 0.20 -3.73 -8.80
N PHE B 46 -0.65 -3.20 -9.68
CA PHE B 46 -1.88 -3.84 -10.01
C PHE B 46 -1.95 -4.13 -11.49
N ASN B 47 -2.15 -5.43 -11.82
CA ASN B 47 -2.26 -5.98 -13.17
C ASN B 47 -1.06 -5.68 -14.09
N LEU B 48 0.13 -5.51 -13.46
CA LEU B 48 1.40 -5.24 -14.13
C LEU B 48 1.35 -3.97 -14.98
N GLY B 49 0.41 -3.08 -14.68
CA GLY B 49 0.21 -1.87 -15.47
C GLY B 49 -0.11 -0.65 -14.66
N PHE B 50 -0.48 -0.84 -13.39
CA PHE B 50 -0.87 0.27 -12.51
C PHE B 50 -0.12 0.33 -11.21
N ILE B 51 0.07 1.55 -10.68
CA ILE B 51 0.64 1.76 -9.34
C ILE B 51 -0.49 2.30 -8.45
N ILE B 52 -0.82 1.56 -7.38
CA ILE B 52 -1.85 1.97 -6.42
C ILE B 52 -1.12 2.76 -5.38
N VAL B 53 -1.61 3.98 -5.09
CA VAL B 53 -0.99 4.85 -4.09
C VAL B 53 -1.98 5.39 -3.11
N THR B 54 -1.53 5.60 -1.84
CA THR B 54 -2.30 6.25 -0.77
C THR B 54 -1.79 7.66 -0.60
N ARG B 55 -2.70 8.56 -0.23
CA ARG B 55 -2.40 9.95 0.05
C ARG B 55 -3.19 10.39 1.28
N LYS B 56 -2.54 10.43 2.44
CA LYS B 56 -3.21 10.90 3.65
C LYS B 56 -2.66 12.25 4.07
N VAL B 57 -3.47 13.31 3.86
CA VAL B 57 -3.25 14.73 4.21
C VAL B 57 -4.54 15.52 3.99
N ASP B 58 -5.03 16.30 4.99
CA ASP B 58 -4.46 16.43 6.34
C ASP B 58 -5.11 15.37 7.25
N ASN B 59 -6.46 15.33 7.25
CA ASN B 59 -7.33 14.36 7.93
C ASN B 59 -8.01 13.55 6.81
N LYS B 60 -7.82 14.04 5.55
CA LYS B 60 -8.30 13.46 4.30
C LYS B 60 -7.33 12.34 3.86
N TYR B 61 -7.90 11.22 3.41
CA TYR B 61 -7.19 10.01 3.01
C TYR B 61 -7.80 9.51 1.70
N ASP B 62 -7.00 9.41 0.62
CA ASP B 62 -7.47 8.91 -0.68
C ASP B 62 -6.51 7.92 -1.31
N LEU B 63 -7.04 7.03 -2.16
CA LEU B 63 -6.30 6.10 -3.01
C LEU B 63 -6.33 6.67 -4.42
N PHE B 64 -5.19 6.63 -5.13
CA PHE B 64 -5.10 7.02 -6.55
C PHE B 64 -4.57 5.86 -7.36
N ILE B 65 -4.93 5.80 -8.62
CA ILE B 65 -4.45 4.76 -9.53
C ILE B 65 -3.61 5.46 -10.60
N VAL B 66 -2.34 5.04 -10.72
CA VAL B 66 -1.38 5.62 -11.63
C VAL B 66 -1.01 4.60 -12.74
N ASP B 67 -1.07 5.03 -14.02
CA ASP B 67 -0.64 4.26 -15.17
C ASP B 67 0.92 4.30 -15.20
N GLN B 68 1.59 3.16 -14.99
CA GLN B 68 3.06 3.09 -14.95
C GLN B 68 3.74 3.60 -16.20
N HIS B 69 3.17 3.34 -17.41
CA HIS B 69 3.75 3.82 -18.67
C HIS B 69 3.54 5.33 -18.86
N ALA B 70 2.28 5.82 -18.88
CA ALA B 70 1.91 7.21 -19.14
C ALA B 70 2.52 8.22 -18.16
N SER B 71 2.61 7.84 -16.90
CA SER B 71 3.21 8.72 -15.87
C SER B 71 4.73 8.77 -16.02
N ASP B 72 5.37 7.62 -16.31
CA ASP B 72 6.81 7.58 -16.54
C ASP B 72 7.19 8.41 -17.80
N GLU B 73 6.38 8.27 -18.85
CA GLU B 73 6.46 8.95 -20.13
C GLU B 73 6.30 10.46 -19.98
N LYS B 74 5.28 10.96 -19.24
CA LYS B 74 5.09 12.40 -19.05
C LYS B 74 6.34 13.01 -18.43
N TYR B 75 7.01 12.27 -17.52
CA TYR B 75 8.24 12.73 -16.91
C TYR B 75 9.40 12.79 -17.92
N ASN B 76 9.71 11.66 -18.61
CA ASN B 76 10.79 11.57 -19.60
C ASN B 76 10.60 12.59 -20.69
N PHE B 77 9.36 12.78 -21.14
CA PHE B 77 8.99 13.73 -22.17
C PHE B 77 9.32 15.15 -21.73
N GLU B 78 8.84 15.55 -20.54
CA GLU B 78 9.07 16.90 -20.04
C GLU B 78 10.54 17.17 -19.78
N THR B 79 11.33 16.10 -19.49
CA THR B 79 12.78 16.16 -19.29
C THR B 79 13.42 16.45 -20.63
N LEU B 80 13.03 15.70 -21.69
CA LEU B 80 13.53 15.91 -23.04
C LEU B 80 13.22 17.32 -23.55
N GLN B 81 12.01 17.81 -23.26
CA GLN B 81 11.54 19.13 -23.68
C GLN B 81 12.38 20.27 -23.07
N ALA B 82 12.78 20.09 -21.81
CA ALA B 82 13.56 21.09 -21.07
C ALA B 82 15.08 21.05 -21.28
N VAL B 83 15.71 19.84 -21.29
CA VAL B 83 17.17 19.72 -21.36
C VAL B 83 17.85 19.51 -22.72
N THR B 84 17.18 18.82 -23.64
CA THR B 84 17.76 18.44 -24.91
C THR B 84 18.12 19.54 -25.89
N VAL B 85 19.40 19.58 -26.32
CA VAL B 85 19.83 20.51 -27.36
C VAL B 85 19.71 19.69 -28.65
N PHE B 86 18.82 20.10 -29.57
CA PHE B 86 18.60 19.38 -30.82
C PHE B 86 19.77 19.57 -31.80
N LYS B 87 20.20 18.48 -32.50
CA LYS B 87 21.33 18.52 -33.43
C LYS B 87 21.03 19.30 -34.70
N SER B 88 21.94 20.21 -35.06
CA SER B 88 21.78 21.08 -36.21
C SER B 88 22.80 20.88 -37.33
N GLN B 89 22.45 21.36 -38.53
CA GLN B 89 23.26 21.34 -39.75
C GLN B 89 23.82 22.73 -39.93
N LYS B 90 25.14 22.88 -39.82
CA LYS B 90 25.83 24.16 -40.01
C LYS B 90 25.68 24.53 -41.49
N LEU B 91 24.95 25.63 -41.78
CA LEU B 91 24.66 26.13 -43.13
C LEU B 91 25.91 26.58 -43.88
N ILE B 92 25.93 26.35 -45.20
CA ILE B 92 27.06 26.72 -46.05
C ILE B 92 27.13 28.24 -46.33
N ILE B 93 25.96 28.88 -46.51
CA ILE B 93 25.79 30.31 -46.72
C ILE B 93 24.61 30.77 -45.84
N PRO B 94 24.84 31.63 -44.80
CA PRO B 94 23.74 32.03 -43.90
C PRO B 94 22.54 32.71 -44.57
N GLN B 95 21.32 32.46 -44.02
CA GLN B 95 20.06 32.96 -44.57
C GLN B 95 19.36 34.02 -43.70
N PRO B 96 18.98 35.19 -44.27
CA PRO B 96 18.30 36.21 -43.46
C PRO B 96 16.78 36.06 -43.38
N VAL B 97 16.15 36.77 -42.41
CA VAL B 97 14.70 36.77 -42.17
C VAL B 97 14.17 38.12 -41.66
N GLU B 98 12.92 38.48 -42.06
CA GLU B 98 12.22 39.71 -41.68
C GLU B 98 11.07 39.36 -40.74
N LEU B 99 10.89 40.15 -39.65
CA LEU B 99 9.81 39.92 -38.67
C LEU B 99 8.97 41.18 -38.39
N SER B 100 9.29 41.95 -37.33
CA SER B 100 8.59 43.19 -36.95
C SER B 100 9.48 44.04 -36.03
N GLU B 104 8.13 41.18 -32.63
CA GLU B 104 8.50 39.81 -32.95
C GLU B 104 10.01 39.61 -33.07
N LEU B 105 10.75 40.67 -33.45
CA LEU B 105 12.22 40.66 -33.59
C LEU B 105 12.89 40.56 -32.21
N VAL B 106 12.22 41.10 -31.17
CA VAL B 106 12.67 41.08 -29.77
C VAL B 106 12.49 39.72 -29.12
N VAL B 107 11.60 38.86 -29.67
CA VAL B 107 11.35 37.50 -29.17
C VAL B 107 12.57 36.61 -29.47
N LEU B 108 13.15 36.75 -30.69
CA LEU B 108 14.34 36.02 -31.14
C LEU B 108 15.59 36.53 -30.42
N ASP B 109 15.74 37.88 -30.29
CA ASP B 109 16.86 38.55 -29.63
C ASP B 109 16.68 38.68 -28.09
N ASN B 110 16.21 37.59 -27.44
CA ASN B 110 15.98 37.45 -25.99
C ASN B 110 15.99 35.98 -25.57
N LEU B 111 15.67 35.07 -26.52
CA LEU B 111 15.55 33.65 -26.22
C LEU B 111 16.58 32.64 -26.78
N PRO B 112 17.23 31.85 -25.88
CA PRO B 112 18.14 30.79 -26.32
C PRO B 112 17.39 29.44 -26.44
N VAL B 113 16.08 29.54 -26.76
CA VAL B 113 15.12 28.45 -27.01
C VAL B 113 15.33 28.02 -28.47
N PHE B 114 15.90 28.94 -29.28
CA PHE B 114 16.22 28.68 -30.68
C PHE B 114 17.44 27.79 -30.77
N GLU B 115 18.48 28.07 -29.96
CA GLU B 115 19.71 27.27 -29.87
C GLU B 115 19.38 25.81 -29.44
N LYS B 116 18.41 25.63 -28.50
CA LYS B 116 17.95 24.33 -28.00
C LYS B 116 17.22 23.55 -29.09
N ASN B 117 16.55 24.27 -30.01
CA ASN B 117 15.80 23.70 -31.13
C ASN B 117 16.64 23.65 -32.42
N GLY B 118 17.96 23.67 -32.28
CA GLY B 118 18.91 23.60 -33.39
C GLY B 118 19.00 24.83 -34.28
N PHE B 119 18.64 26.01 -33.74
CA PHE B 119 18.72 27.28 -34.48
C PHE B 119 19.80 28.18 -33.89
N LYS B 120 21.02 28.09 -34.45
CA LYS B 120 22.14 28.94 -34.05
C LYS B 120 22.00 30.21 -34.87
N LEU B 121 21.89 31.37 -34.20
CA LEU B 121 21.66 32.65 -34.90
C LEU B 121 22.79 33.67 -34.73
N LYS B 122 22.75 34.74 -35.56
CA LYS B 122 23.70 35.85 -35.56
C LYS B 122 22.94 37.19 -35.47
N ILE B 123 22.86 37.75 -34.24
CA ILE B 123 22.17 39.00 -33.94
C ILE B 123 23.01 40.21 -34.34
N SER B 131 14.19 42.64 -37.70
CA SER B 131 14.58 43.43 -38.88
C SER B 131 15.77 42.77 -39.61
N ARG B 132 16.88 42.53 -38.88
CA ARG B 132 18.09 41.92 -39.42
C ARG B 132 18.49 40.67 -38.62
N VAL B 133 17.96 39.51 -39.05
CA VAL B 133 18.19 38.19 -38.44
C VAL B 133 19.11 37.35 -39.36
N LYS B 134 19.99 36.53 -38.77
CA LYS B 134 20.90 35.67 -39.53
C LYS B 134 20.92 34.22 -39.01
N LEU B 135 20.39 33.29 -39.82
CA LEU B 135 20.29 31.86 -39.55
C LEU B 135 21.61 31.15 -39.90
N LEU B 136 22.36 30.72 -38.87
CA LEU B 136 23.64 30.02 -39.02
C LEU B 136 23.48 28.51 -39.11
N SER B 137 22.54 27.94 -38.32
CA SER B 137 22.27 26.50 -38.26
C SER B 137 20.77 26.21 -38.29
N LEU B 138 20.41 25.09 -38.94
CA LEU B 138 19.03 24.57 -39.04
C LEU B 138 19.00 23.16 -38.41
N PRO B 139 17.99 22.77 -37.58
CA PRO B 139 18.01 21.41 -36.99
C PRO B 139 17.93 20.31 -38.05
N THR B 140 18.52 19.12 -37.76
CA THR B 140 18.53 17.98 -38.69
C THR B 140 18.21 16.64 -38.05
N SER B 141 17.55 15.76 -38.82
CA SER B 141 17.18 14.42 -38.41
C SER B 141 17.23 13.49 -39.62
N LYS B 142 17.55 12.20 -39.40
CA LYS B 142 17.57 11.16 -40.44
C LYS B 142 16.16 10.65 -40.82
N GLN B 143 15.11 11.18 -40.17
CA GLN B 143 13.72 10.79 -40.42
C GLN B 143 12.76 11.94 -40.77
N THR B 144 13.28 13.19 -40.85
CA THR B 144 12.47 14.36 -41.17
C THR B 144 13.26 15.57 -41.69
N LEU B 145 12.55 16.41 -42.46
CA LEU B 145 13.06 17.61 -43.10
C LEU B 145 12.68 18.85 -42.29
N PHE B 146 13.63 19.79 -42.15
CA PHE B 146 13.40 21.05 -41.44
C PHE B 146 13.56 22.24 -42.39
N ASP B 147 12.71 23.27 -42.22
CA ASP B 147 12.68 24.48 -43.05
C ASP B 147 12.47 25.77 -42.23
N LEU B 148 12.19 26.90 -42.90
CA LEU B 148 11.95 28.20 -42.27
C LEU B 148 10.55 28.28 -41.65
N GLY B 149 9.62 27.45 -42.15
CA GLY B 149 8.26 27.33 -41.65
C GLY B 149 8.20 26.76 -40.24
N ASP B 150 9.27 26.02 -39.85
CA ASP B 150 9.47 25.44 -38.52
C ASP B 150 10.06 26.51 -37.58
N PHE B 151 10.96 27.37 -38.11
CA PHE B 151 11.57 28.50 -37.38
C PHE B 151 10.50 29.54 -37.04
N ASN B 152 9.58 29.79 -37.99
CA ASN B 152 8.47 30.73 -37.83
C ASN B 152 7.40 30.12 -36.93
N GLU B 153 7.26 28.76 -36.95
CA GLU B 153 6.32 28.04 -36.10
C GLU B 153 6.76 28.22 -34.65
N LEU B 154 8.08 28.09 -34.37
CA LEU B 154 8.66 28.28 -33.04
C LEU B 154 8.55 29.76 -32.62
N ILE B 155 8.64 30.70 -33.58
CA ILE B 155 8.50 32.15 -33.37
C ILE B 155 7.06 32.48 -32.89
N HIS B 156 6.04 31.79 -33.47
CA HIS B 156 4.62 31.94 -33.14
C HIS B 156 4.21 31.12 -31.92
N LEU B 157 4.94 30.02 -31.62
CA LEU B 157 4.66 29.16 -30.47
C LEU B 157 5.02 29.82 -29.15
N ILE B 158 5.98 30.77 -29.18
CA ILE B 158 6.39 31.55 -28.01
C ILE B 158 5.29 32.59 -27.72
N LYS B 159 4.62 33.10 -28.78
CA LYS B 159 3.50 34.06 -28.68
C LYS B 159 2.38 33.49 -27.80
N GLU B 160 2.13 32.16 -27.90
CA GLU B 160 1.13 31.45 -27.10
C GLU B 160 1.62 31.27 -25.66
N ASP B 161 2.79 30.61 -25.47
CA ASP B 161 3.45 30.31 -24.18
C ASP B 161 2.56 29.51 -23.21
N LEU B 164 3.47 31.48 -17.79
CA LEU B 164 3.99 30.19 -18.24
C LEU B 164 5.49 30.23 -18.56
N ARG B 165 6.14 29.05 -18.58
CA ARG B 165 7.57 28.90 -18.90
C ARG B 165 7.78 28.70 -20.40
N ARG B 166 8.74 29.46 -20.98
CA ARG B 166 9.05 29.45 -22.41
C ARG B 166 10.33 28.69 -22.79
N ASP B 167 11.18 28.38 -21.79
CA ASP B 167 12.45 27.67 -21.97
C ASP B 167 12.29 26.22 -22.48
N ASN B 168 11.14 25.61 -22.22
CA ASN B 168 10.84 24.23 -22.62
C ASN B 168 9.98 24.14 -23.89
N ILE B 169 9.80 25.27 -24.63
CA ILE B 169 9.00 25.32 -25.87
C ILE B 169 9.72 24.66 -27.03
N ARG B 170 9.01 23.78 -27.78
CA ARG B 170 9.56 23.04 -28.93
C ARG B 170 8.63 23.07 -30.13
N CYS B 171 9.19 23.23 -31.35
CA CYS B 171 8.41 23.20 -32.59
C CYS B 171 7.82 21.80 -32.76
N SER B 172 6.54 21.71 -33.18
CA SER B 172 5.80 20.45 -33.31
C SER B 172 6.57 19.23 -33.85
N LYS B 173 7.44 19.44 -34.85
CA LYS B 173 8.26 18.35 -35.40
C LYS B 173 9.13 17.73 -34.28
N ILE B 174 9.87 18.58 -33.56
CA ILE B 174 10.73 18.18 -32.44
C ILE B 174 9.88 17.58 -31.29
N ARG B 175 8.76 18.24 -30.95
CA ARG B 175 7.85 17.81 -29.89
C ARG B 175 7.42 16.36 -30.11
N SER B 176 6.96 16.02 -31.34
CA SER B 176 6.50 14.70 -31.79
C SER B 176 7.59 13.65 -31.66
N MET B 177 8.84 14.01 -32.03
CA MET B 177 9.98 13.11 -31.94
C MET B 177 10.32 12.79 -30.49
N PHE B 178 10.20 13.80 -29.58
CA PHE B 178 10.44 13.65 -28.15
C PHE B 178 9.35 12.79 -27.53
N ALA B 179 8.11 12.95 -28.04
CA ALA B 179 6.97 12.15 -27.56
C ALA B 179 7.22 10.67 -27.90
N MET B 180 7.82 10.38 -29.06
CA MET B 180 8.16 9.01 -29.44
C MET B 180 9.34 8.49 -28.63
N ARG B 181 10.37 9.34 -28.39
CA ARG B 181 11.55 8.95 -27.62
C ARG B 181 11.14 8.52 -26.22
N ALA B 182 10.24 9.32 -25.58
CA ALA B 182 9.69 9.10 -24.26
C ALA B 182 8.89 7.81 -24.22
N CYS B 183 7.99 7.61 -25.20
CA CYS B 183 7.15 6.40 -25.32
C CYS B 183 7.95 5.11 -25.44
N ARG B 184 9.05 5.15 -26.21
CA ARG B 184 9.92 4.02 -26.43
C ARG B 184 10.85 3.72 -25.25
N SER B 185 11.31 4.75 -24.53
CA SER B 185 12.26 4.57 -23.43
C SER B 185 11.62 4.34 -22.06
N SER B 186 10.36 4.75 -21.91
CA SER B 186 9.61 4.64 -20.69
C SER B 186 9.27 3.22 -20.31
N ILE B 187 8.86 3.05 -19.03
CA ILE B 187 8.45 1.76 -18.47
C ILE B 187 7.29 1.21 -19.31
N MET B 188 7.39 -0.05 -19.72
CA MET B 188 6.35 -0.71 -20.47
C MET B 188 5.26 -1.22 -19.53
N ILE B 189 4.02 -1.34 -20.04
CA ILE B 189 2.91 -1.97 -19.35
C ILE B 189 3.24 -3.48 -19.48
N GLY B 190 3.09 -4.22 -18.37
CA GLY B 190 3.40 -5.64 -18.27
C GLY B 190 4.76 -5.85 -17.63
N LYS B 191 5.45 -4.75 -17.30
CA LYS B 191 6.75 -4.83 -16.66
C LYS B 191 6.56 -4.85 -15.15
N PRO B 192 7.00 -5.95 -14.48
CA PRO B 192 6.90 -6.00 -13.01
C PRO B 192 7.86 -4.96 -12.44
N LEU B 193 7.40 -4.18 -11.44
CA LEU B 193 8.14 -3.11 -10.78
C LEU B 193 8.23 -3.36 -9.31
N ASN B 194 9.30 -2.89 -8.69
CA ASN B 194 9.53 -2.98 -7.24
C ASN B 194 9.16 -1.64 -6.59
N LYS B 195 8.99 -1.62 -5.24
CA LYS B 195 8.57 -0.41 -4.54
C LYS B 195 9.41 0.79 -4.91
N LYS B 196 10.74 0.62 -4.98
CA LYS B 196 11.69 1.68 -5.27
C LYS B 196 11.43 2.39 -6.56
N THR B 197 11.23 1.63 -7.62
CA THR B 197 10.91 2.16 -8.94
C THR B 197 9.55 2.86 -8.95
N MET B 198 8.50 2.19 -8.42
CA MET B 198 7.16 2.75 -8.38
C MET B 198 7.12 4.10 -7.65
N THR B 199 7.85 4.21 -6.54
CA THR B 199 7.98 5.40 -5.67
C THR B 199 8.60 6.56 -6.45
N ARG B 200 9.67 6.28 -7.20
CA ARG B 200 10.35 7.27 -8.02
C ARG B 200 9.41 7.80 -9.11
N VAL B 201 8.66 6.90 -9.79
CA VAL B 201 7.71 7.21 -10.86
C VAL B 201 6.62 8.20 -10.37
N VAL B 202 6.03 7.94 -9.19
CA VAL B 202 4.99 8.80 -8.61
C VAL B 202 5.55 10.15 -8.13
N HIS B 203 6.61 10.10 -7.32
CA HIS B 203 7.27 11.28 -6.76
C HIS B 203 7.80 12.24 -7.85
N ASN B 204 8.29 11.69 -8.98
CA ASN B 204 8.73 12.44 -10.17
C ASN B 204 7.65 13.38 -10.71
N LEU B 205 6.37 13.01 -10.54
CA LEU B 205 5.24 13.83 -10.98
C LEU B 205 5.12 15.17 -10.23
N SER B 206 5.72 15.29 -9.02
CA SER B 206 5.72 16.52 -8.22
C SER B 206 6.57 17.63 -8.86
N GLU B 207 7.43 17.23 -9.80
CA GLU B 207 8.35 18.10 -10.51
C GLU B 207 7.69 18.81 -11.71
N LEU B 208 6.55 18.31 -12.16
CA LEU B 208 5.87 18.78 -13.36
C LEU B 208 4.64 19.62 -13.05
N ASP B 209 4.19 20.44 -14.01
CA ASP B 209 2.98 21.23 -13.78
C ASP B 209 1.77 20.54 -14.40
N LYS B 210 0.74 20.26 -13.52
CA LYS B 210 -0.52 19.56 -13.80
C LYS B 210 -0.26 18.34 -14.73
N PRO B 211 0.54 17.34 -14.25
CA PRO B 211 0.92 16.20 -15.11
C PRO B 211 -0.19 15.15 -15.28
N TRP B 212 -1.40 15.60 -15.59
CA TRP B 212 -2.55 14.71 -15.72
C TRP B 212 -2.59 13.86 -16.96
N ASN B 213 -1.87 14.26 -18.02
CA ASN B 213 -1.83 13.54 -19.29
C ASN B 213 -0.43 13.34 -19.81
N CYS B 214 -0.25 12.27 -20.60
CA CYS B 214 1.01 11.94 -21.27
C CYS B 214 1.06 12.85 -22.52
N PRO B 215 2.19 12.93 -23.27
CA PRO B 215 2.20 13.78 -24.47
C PRO B 215 1.18 13.43 -25.57
N HIS B 216 0.59 12.20 -25.54
CA HIS B 216 -0.40 11.77 -26.54
C HIS B 216 -1.83 12.04 -26.07
N GLY B 217 -1.98 12.54 -24.85
CA GLY B 217 -3.28 12.88 -24.28
C GLY B 217 -3.96 11.83 -23.42
N ARG B 218 -3.24 10.76 -23.06
CA ARG B 218 -3.75 9.66 -22.22
C ARG B 218 -3.56 10.00 -20.75
N PRO B 219 -4.48 9.59 -19.86
CA PRO B 219 -4.31 9.94 -18.44
C PRO B 219 -3.16 9.22 -17.75
N THR B 220 -2.45 9.94 -16.87
CA THR B 220 -1.32 9.41 -16.12
C THR B 220 -1.86 8.76 -14.85
N MET B 221 -2.84 9.42 -14.23
CA MET B 221 -3.43 8.99 -12.99
C MET B 221 -4.90 9.41 -12.81
N ARG B 222 -5.58 8.79 -11.85
CA ARG B 222 -6.97 9.08 -11.48
C ARG B 222 -7.20 8.72 -10.03
N HIS B 223 -8.13 9.44 -9.37
CA HIS B 223 -8.54 9.17 -8.00
C HIS B 223 -9.33 7.88 -8.02
N LEU B 224 -9.04 6.96 -7.10
CA LEU B 224 -9.80 5.71 -7.02
C LEU B 224 -10.96 5.96 -6.06
N MET B 225 -10.63 6.14 -4.78
CA MET B 225 -11.57 6.31 -3.68
C MET B 225 -11.00 7.07 -2.49
N GLU B 226 -11.89 7.73 -1.77
CA GLU B 226 -11.57 8.40 -0.51
C GLU B 226 -11.83 7.33 0.55
N LEU B 227 -10.92 7.22 1.53
CA LEU B 227 -11.04 6.32 2.69
C LEU B 227 -11.42 7.20 3.87
N ARG B 228 -12.73 7.43 4.01
CA ARG B 228 -13.31 8.30 5.01
C ARG B 228 -13.68 7.58 6.31
N ASP B 229 -14.72 6.72 6.25
CA ASP B 229 -15.24 6.02 7.42
C ASP B 229 -15.33 4.51 7.20
N TRP B 230 -14.30 3.80 7.68
CA TRP B 230 -14.24 2.35 7.63
C TRP B 230 -13.97 1.91 9.05
N SER B 231 -15.00 1.39 9.70
CA SER B 231 -14.86 0.89 11.06
C SER B 231 -14.46 -0.57 10.92
N SER B 232 -13.14 -0.81 10.83
CA SER B 232 -12.55 -2.12 10.65
C SER B 232 -12.58 -2.96 11.93
N PHE B 233 -12.33 -4.29 11.79
CA PHE B 233 -12.29 -5.25 12.90
C PHE B 233 -11.37 -4.75 14.04
N SER B 234 -11.86 -4.82 15.28
CA SER B 234 -11.14 -4.34 16.45
C SER B 234 -11.31 -5.19 17.68
N LYS B 235 -11.97 -6.36 17.56
CA LYS B 235 -12.27 -7.29 18.65
C LYS B 235 -11.07 -7.64 19.52
N ASP B 236 -9.88 -7.76 18.90
CA ASP B 236 -8.63 -8.06 19.59
C ASP B 236 -8.16 -6.99 20.62
N TYR B 237 -8.69 -5.75 20.57
CA TYR B 237 -8.33 -4.69 21.54
C TYR B 237 -9.49 -4.33 22.45
N GLU B 238 -10.61 -5.05 22.34
CA GLU B 238 -11.84 -4.80 23.10
C GLU B 238 -11.89 -5.64 24.34
N ILE B 239 -12.27 -5.02 25.46
CA ILE B 239 -12.49 -5.72 26.72
C ILE B 239 -13.92 -5.43 27.24
C1 GOL C . 0.19 -25.07 5.18
O1 GOL C . 0.89 -25.99 6.02
C2 GOL C . -0.22 -23.83 5.94
O2 GOL C . -0.77 -22.86 5.04
C3 GOL C . -1.24 -24.20 7.00
O3 GOL C . -1.21 -23.31 8.12
C1 GOL D . -16.89 -25.94 0.02
O1 GOL D . -16.65 -26.98 -0.92
C2 GOL D . -17.46 -24.71 -0.64
O2 GOL D . -16.38 -23.82 -0.95
C3 GOL D . -18.47 -23.97 0.21
O3 GOL D . -19.68 -24.68 0.46
C1 GOL E . 4.55 -7.36 31.40
O1 GOL E . 3.98 -6.48 30.43
C2 GOL E . 5.87 -7.93 30.94
O2 GOL E . 5.69 -8.73 29.77
C3 GOL E . 6.54 -8.75 32.02
O3 GOL E . 5.88 -9.99 32.21
C1 GOL F . 17.49 -8.53 24.72
O1 GOL F . 16.95 -7.25 25.07
C2 GOL F . 17.70 -9.38 25.96
O2 GOL F . 18.57 -8.71 26.87
C3 GOL F . 18.22 -10.75 25.61
O3 GOL F . 19.30 -11.16 26.47
C1 GOL G . -22.28 -20.47 -0.12
O1 GOL G . -22.07 -21.69 -0.81
C2 GOL G . -23.12 -19.49 -0.93
O2 GOL G . -23.76 -18.57 -0.03
C3 GOL G . -22.29 -18.72 -1.93
O3 GOL G . -21.98 -19.48 -3.10
C1 EDO H . -11.98 -26.89 10.29
O1 EDO H . -11.38 -25.75 9.69
C2 EDO H . -12.86 -27.67 9.25
O2 EDO H . -13.78 -26.80 8.61
C1 EDO I . -0.84 -0.08 19.30
O1 EDO I . -2.07 0.34 18.72
C2 EDO I . -0.86 -1.62 19.55
O2 EDO I . -0.66 -2.37 18.36
C1 EDO J . -17.76 -21.60 14.86
O1 EDO J . -17.19 -22.92 14.98
C2 EDO J . -18.06 -21.17 13.38
O2 EDO J . -18.08 -19.74 13.23
ZN ZN K . 3.61 5.81 -24.70
ZN ZN L . 1.69 8.66 -24.41
#